data_5ZJ6
#
_entry.id   5ZJ6
#
_cell.length_a   42.810
_cell.length_b   48.020
_cell.length_c   78.010
_cell.angle_alpha   87.590
_cell.angle_beta   83.090
_cell.angle_gamma   63.590
#
_symmetry.space_group_name_H-M   'P 1'
#
loop_
_entity.id
_entity.type
_entity.pdbx_description
1 polymer 'Tyrosine-protein kinase HCK'
2 non-polymer 7-[trans-4-(4-methylpiperazin-1-yl)cyclohexyl]-5-(4-phenoxyphenyl)-7H-pyrrolo[2,3-d]pyrimidin-4-amine
3 water water
#
_entity_poly.entity_id   1
_entity_poly.type   'polypeptide(L)'
_entity_poly.pdbx_seq_one_letter_code
;GSSGSSGMSSKPQKPWEKDAWEIPRESLKLEKKLGAGQFGEVWMATYNKHTKVAVKTMKPGSMSVEAFLAEANVMKTLQH
DKLVKLHAVVTKEPIYIITEFMAKGSLLDFLKSDEGSKQPLPKLIDFSAQIAEGMAFIEQRNYIHRDLRAANILVSASLV
CKIADFGLARVIEDNEYTAREGAKFPIKWTAPEAINFGSFTIKSDVWSFGILLMEIVTYGRIPYPGMSNPEVIRALERGY
RMPRPENCPEELYNIMMRCWKNRPEERPTFEYIQSVLDDFYTATESQ
;
_entity_poly.pdbx_strand_id   A,B
#
loop_
_chem_comp.id
_chem_comp.type
_chem_comp.name
_chem_comp.formula
VSE non-polymer 7-[trans-4-(4-methylpiperazin-1-yl)cyclohexyl]-5-(4-phenoxyphenyl)-7H-pyrrolo[2,3-d]pyrimidin-4-amine 'C29 H34 N6 O'
#
# COMPACT_ATOMS: atom_id res chain seq x y z
N LYS A 14 -5.18 -28.30 31.00
CA LYS A 14 -4.55 -29.62 30.97
C LYS A 14 -4.11 -29.97 29.55
N PRO A 15 -2.86 -30.41 29.40
CA PRO A 15 -2.28 -30.58 28.07
C PRO A 15 -2.90 -31.75 27.31
N TRP A 16 -2.72 -31.70 25.99
CA TRP A 16 -3.27 -32.72 25.10
C TRP A 16 -2.62 -34.07 25.36
N GLU A 17 -3.39 -35.14 25.15
CA GLU A 17 -2.90 -36.49 25.38
C GLU A 17 -2.14 -36.99 24.14
N LYS A 18 -0.94 -37.53 24.37
CA LYS A 18 0.00 -37.82 23.30
C LYS A 18 -0.18 -39.21 22.67
N ASP A 19 -1.35 -39.82 22.80
CA ASP A 19 -1.72 -40.93 21.92
C ASP A 19 -3.09 -40.73 21.28
N ALA A 20 -3.73 -39.59 21.51
CA ALA A 20 -4.93 -39.21 20.77
C ALA A 20 -4.49 -38.39 19.56
N TRP A 21 -4.35 -39.07 18.42
CA TRP A 21 -3.91 -38.44 17.19
C TRP A 21 -5.01 -38.42 16.14
N GLU A 22 -5.44 -39.58 15.66
CA GLU A 22 -6.63 -39.66 14.83
C GLU A 22 -7.84 -39.82 15.74
N ILE A 23 -8.73 -38.85 15.73
CA ILE A 23 -9.85 -38.83 16.67
C ILE A 23 -11.17 -38.87 15.90
N PRO A 24 -12.24 -39.37 16.50
CA PRO A 24 -13.55 -39.34 15.83
C PRO A 24 -14.14 -37.95 15.81
N ARG A 25 -14.85 -37.65 14.72
CA ARG A 25 -15.54 -36.38 14.59
C ARG A 25 -16.45 -36.10 15.78
N GLU A 26 -17.02 -37.16 16.37
CA GLU A 26 -17.94 -37.01 17.48
C GLU A 26 -17.29 -36.50 18.76
N SER A 27 -15.95 -36.59 18.86
CA SER A 27 -15.28 -36.06 20.04
C SER A 27 -15.22 -34.54 20.07
N LEU A 28 -15.64 -33.89 19.00
CA LEU A 28 -15.54 -32.43 18.87
C LEU A 28 -16.93 -31.81 18.89
N LYS A 29 -17.08 -30.74 19.68
CA LYS A 29 -18.24 -29.89 19.66
C LYS A 29 -17.82 -28.55 19.09
N LEU A 30 -18.21 -28.28 17.84
CA LEU A 30 -17.90 -26.99 17.23
C LEU A 30 -18.73 -25.92 17.90
N GLU A 31 -18.07 -24.94 18.51
CA GLU A 31 -18.74 -23.91 19.30
C GLU A 31 -19.01 -22.63 18.53
N LYS A 32 -18.02 -22.14 17.78
CA LYS A 32 -18.15 -20.84 17.13
C LYS A 32 -17.26 -20.81 15.90
N LYS A 33 -17.82 -20.39 14.77
CA LYS A 33 -17.01 -20.20 13.58
C LYS A 33 -16.18 -18.94 13.72
N LEU A 34 -14.86 -19.09 13.54
CA LEU A 34 -13.95 -17.95 13.63
C LEU A 34 -13.79 -17.24 12.30
N GLY A 35 -14.08 -17.90 11.20
CA GLY A 35 -13.95 -17.30 9.89
C GLY A 35 -13.89 -18.36 8.82
N ALA A 36 -14.25 -17.95 7.61
CA ALA A 36 -14.23 -18.83 6.44
C ALA A 36 -13.12 -18.39 5.50
N GLY A 37 -12.23 -19.32 5.16
CA GLY A 37 -11.14 -19.06 4.25
C GLY A 37 -11.40 -19.62 2.87
N GLN A 38 -10.35 -19.61 2.05
CA GLN A 38 -10.46 -20.11 0.69
C GLN A 38 -10.69 -21.62 0.67
N PHE A 39 -9.87 -22.37 1.41
CA PHE A 39 -9.84 -23.82 1.30
C PHE A 39 -10.39 -24.52 2.53
N GLY A 40 -10.84 -23.78 3.53
CA GLY A 40 -11.40 -24.38 4.72
C GLY A 40 -11.99 -23.32 5.63
N GLU A 41 -12.55 -23.80 6.74
CA GLU A 41 -13.10 -22.96 7.80
C GLU A 41 -12.38 -23.30 9.11
N VAL A 42 -12.40 -22.36 10.05
CA VAL A 42 -11.79 -22.56 11.36
C VAL A 42 -12.85 -22.32 12.43
N TRP A 43 -12.89 -23.20 13.41
CA TRP A 43 -13.86 -23.18 14.50
C TRP A 43 -13.16 -23.18 15.83
N MET A 44 -13.72 -22.46 16.80
CA MET A 44 -13.43 -22.74 18.20
C MET A 44 -14.31 -23.90 18.64
N ALA A 45 -13.70 -24.89 19.28
CA ALA A 45 -14.43 -26.11 19.61
C ALA A 45 -13.99 -26.63 20.98
N THR A 46 -14.79 -27.56 21.50
CA THR A 46 -14.46 -28.31 22.71
C THR A 46 -14.24 -29.77 22.34
N TYR A 47 -13.11 -30.31 22.75
CA TYR A 47 -12.76 -31.71 22.51
C TYR A 47 -13.04 -32.52 23.77
N ASN A 48 -13.80 -33.60 23.61
CA ASN A 48 -14.06 -34.55 24.69
C ASN A 48 -14.56 -33.85 25.94
N LYS A 49 -15.39 -32.83 25.74
CA LYS A 49 -16.14 -32.15 26.80
C LYS A 49 -15.24 -31.44 27.82
N HIS A 50 -13.98 -31.17 27.50
CA HIS A 50 -13.14 -30.50 28.49
C HIS A 50 -11.95 -29.71 27.93
N THR A 51 -11.60 -29.91 26.66
CA THR A 51 -10.39 -29.29 26.11
C THR A 51 -10.76 -28.27 25.02
N LYS A 52 -10.40 -27.01 25.27
CA LYS A 52 -10.64 -25.93 24.32
C LYS A 52 -9.59 -26.00 23.21
N VAL A 53 -10.04 -26.10 21.96
CA VAL A 53 -9.16 -26.25 20.80
C VAL A 53 -9.69 -25.40 19.65
N ALA A 54 -8.87 -25.27 18.61
CA ALA A 54 -9.30 -24.77 17.32
C ALA A 54 -9.37 -25.95 16.35
N VAL A 55 -10.37 -25.92 15.47
CA VAL A 55 -10.54 -26.95 14.45
C VAL A 55 -10.59 -26.26 13.09
N LYS A 56 -9.67 -26.64 12.22
CA LYS A 56 -9.68 -26.19 10.82
C LYS A 56 -10.32 -27.31 10.01
N THR A 57 -11.51 -27.05 9.48
CA THR A 57 -12.24 -28.02 8.67
C THR A 57 -12.01 -27.69 7.19
N MET A 58 -11.35 -28.60 6.48
CA MET A 58 -11.00 -28.37 5.09
C MET A 58 -12.23 -28.57 4.19
N LYS A 59 -12.33 -27.75 3.15
CA LYS A 59 -13.43 -27.90 2.23
C LYS A 59 -13.29 -29.21 1.45
N PRO A 60 -14.41 -29.85 1.09
CA PRO A 60 -14.32 -31.07 0.28
C PRO A 60 -13.56 -30.79 -1.01
N GLY A 61 -12.61 -31.68 -1.31
CA GLY A 61 -11.76 -31.53 -2.48
C GLY A 61 -10.46 -30.78 -2.23
N SER A 62 -10.29 -30.17 -1.06
CA SER A 62 -9.09 -29.38 -0.80
C SER A 62 -7.87 -30.24 -0.51
N MET A 63 -8.05 -31.42 0.10
CA MET A 63 -6.92 -32.21 0.55
C MET A 63 -7.25 -33.69 0.46
N SER A 64 -6.23 -34.48 0.14
CA SER A 64 -6.30 -35.93 0.18
C SER A 64 -5.97 -36.41 1.60
N VAL A 65 -6.75 -37.38 2.09
CA VAL A 65 -6.54 -37.85 3.46
C VAL A 65 -5.19 -38.57 3.58
N GLU A 66 -4.80 -39.32 2.54
CA GLU A 66 -3.55 -40.05 2.61
C GLU A 66 -2.35 -39.12 2.47
N ALA A 67 -2.42 -38.17 1.55
CA ALA A 67 -1.33 -37.21 1.39
C ALA A 67 -1.22 -36.31 2.62
N PHE A 68 -2.35 -35.91 3.20
CA PHE A 68 -2.30 -35.07 4.38
C PHE A 68 -1.71 -35.82 5.57
N LEU A 69 -2.22 -37.03 5.84
CA LEU A 69 -1.69 -37.81 6.96
C LEU A 69 -0.19 -37.98 6.87
N ALA A 70 0.32 -38.26 5.66
CA ALA A 70 1.76 -38.40 5.49
C ALA A 70 2.49 -37.12 5.89
N GLU A 71 1.97 -35.97 5.49
CA GLU A 71 2.60 -34.70 5.84
C GLU A 71 2.30 -34.31 7.28
N ALA A 72 1.07 -34.57 7.74
CA ALA A 72 0.69 -34.21 9.10
C ALA A 72 1.52 -34.96 10.13
N ASN A 73 2.00 -36.16 9.79
CA ASN A 73 2.88 -36.88 10.69
C ASN A 73 4.27 -36.26 10.75
N VAL A 74 4.65 -35.44 9.76
CA VAL A 74 5.86 -34.65 9.88
C VAL A 74 5.58 -33.37 10.65
N MET A 75 4.49 -32.69 10.33
CA MET A 75 4.14 -31.43 11.00
C MET A 75 4.03 -31.61 12.51
N LYS A 76 3.44 -32.72 12.95
CA LYS A 76 3.17 -32.89 14.37
C LYS A 76 4.45 -33.04 15.19
N THR A 77 5.56 -33.39 14.55
CA THR A 77 6.86 -33.45 15.23
C THR A 77 7.52 -32.08 15.35
N LEU A 78 7.02 -31.07 14.63
CA LEU A 78 7.60 -29.72 14.67
C LEU A 78 7.06 -28.98 15.88
N GLN A 79 7.52 -29.40 17.06
CA GLN A 79 7.02 -28.89 18.32
C GLN A 79 8.00 -27.87 18.88
N HIS A 80 7.50 -26.65 19.12
CA HIS A 80 8.32 -25.51 19.48
C HIS A 80 7.40 -24.43 20.01
N ASP A 81 7.91 -23.64 20.96
CA ASP A 81 7.07 -22.64 21.61
C ASP A 81 6.47 -21.64 20.63
N LYS A 82 7.13 -21.40 19.50
CA LYS A 82 6.70 -20.39 18.53
C LYS A 82 6.00 -21.01 17.32
N LEU A 83 5.63 -22.27 17.38
CA LEU A 83 4.79 -22.91 16.36
C LEU A 83 3.49 -23.36 17.01
N VAL A 84 2.37 -23.18 16.30
CA VAL A 84 1.09 -23.66 16.80
C VAL A 84 1.14 -25.18 16.92
N LYS A 85 0.69 -25.69 18.06
CA LYS A 85 0.72 -27.12 18.34
C LYS A 85 -0.37 -27.83 17.54
N LEU A 86 0.03 -28.82 16.74
CA LEU A 86 -0.90 -29.66 15.99
C LEU A 86 -1.26 -30.86 16.85
N HIS A 87 -2.50 -30.91 17.35
CA HIS A 87 -2.93 -31.91 18.31
C HIS A 87 -3.42 -33.20 17.66
N ALA A 88 -4.34 -33.09 16.70
CA ALA A 88 -5.06 -34.26 16.21
C ALA A 88 -5.62 -33.96 14.83
N VAL A 89 -6.16 -35.00 14.20
CA VAL A 89 -6.79 -34.91 12.89
C VAL A 89 -8.01 -35.83 12.88
N VAL A 90 -8.96 -35.52 12.00
CA VAL A 90 -10.10 -36.39 11.71
C VAL A 90 -9.98 -36.79 10.25
N THR A 91 -9.92 -38.09 9.99
CA THR A 91 -9.62 -38.61 8.66
C THR A 91 -10.82 -38.73 7.76
N LYS A 92 -12.04 -38.75 8.30
CA LYS A 92 -13.21 -38.80 7.45
C LYS A 92 -13.31 -37.53 6.60
N GLU A 93 -13.80 -37.69 5.38
CA GLU A 93 -13.89 -36.55 4.47
C GLU A 93 -14.98 -35.59 4.93
N PRO A 94 -14.71 -34.29 4.98
CA PRO A 94 -13.40 -33.70 4.70
C PRO A 94 -12.58 -33.53 5.97
N ILE A 95 -11.25 -33.45 5.80
CA ILE A 95 -10.32 -33.54 6.91
C ILE A 95 -10.52 -32.39 7.90
N TYR A 96 -10.42 -32.71 9.19
CA TYR A 96 -10.32 -31.73 10.26
C TYR A 96 -8.89 -31.69 10.79
N ILE A 97 -8.42 -30.50 11.12
CA ILE A 97 -7.10 -30.30 11.74
C ILE A 97 -7.35 -29.64 13.09
N ILE A 98 -6.92 -30.31 14.16
CA ILE A 98 -7.18 -29.86 15.52
C ILE A 98 -5.88 -29.35 16.13
N THR A 99 -5.88 -28.09 16.57
CA THR A 99 -4.70 -27.43 17.12
C THR A 99 -5.08 -26.72 18.41
N GLU A 100 -4.06 -26.20 19.08
CA GLU A 100 -4.32 -25.32 20.22
C GLU A 100 -5.07 -24.07 19.76
N PHE A 101 -5.82 -23.48 20.68
CA PHE A 101 -6.61 -22.29 20.41
C PHE A 101 -5.82 -21.05 20.77
N MET A 102 -5.79 -20.07 19.86
CA MET A 102 -5.03 -18.84 20.04
C MET A 102 -6.04 -17.69 20.16
N ALA A 103 -6.08 -17.06 21.33
CA ALA A 103 -7.22 -16.25 21.71
C ALA A 103 -7.32 -14.94 20.95
N LYS A 104 -6.20 -14.41 20.45
CA LYS A 104 -6.24 -13.13 19.75
C LYS A 104 -6.14 -13.29 18.23
N GLY A 105 -6.40 -14.49 17.72
CA GLY A 105 -6.56 -14.67 16.29
C GLY A 105 -5.26 -14.49 15.52
N SER A 106 -5.40 -14.01 14.28
CA SER A 106 -4.24 -13.81 13.43
C SER A 106 -3.51 -12.51 13.79
N LEU A 107 -2.21 -12.49 13.53
CA LEU A 107 -1.42 -11.29 13.74
C LEU A 107 -1.89 -10.17 12.83
N LEU A 108 -2.30 -10.50 11.60
CA LEU A 108 -2.83 -9.50 10.69
C LEU A 108 -4.05 -8.82 11.29
N ASP A 109 -5.01 -9.61 11.77
CA ASP A 109 -6.19 -9.02 12.41
C ASP A 109 -5.81 -8.27 13.68
N PHE A 110 -4.91 -8.83 14.49
CA PHE A 110 -4.54 -8.17 15.73
C PHE A 110 -3.92 -6.81 15.47
N LEU A 111 -3.02 -6.72 14.49
CA LEU A 111 -2.40 -5.43 14.17
C LEU A 111 -3.42 -4.41 13.69
N LYS A 112 -4.57 -4.86 13.17
CA LYS A 112 -5.63 -3.98 12.71
C LYS A 112 -6.77 -3.85 13.72
N SER A 113 -6.59 -4.33 14.94
CA SER A 113 -7.59 -4.22 15.99
C SER A 113 -7.26 -3.05 16.90
N ASP A 114 -8.23 -2.65 17.73
CA ASP A 114 -8.03 -1.53 18.65
C ASP A 114 -6.82 -1.77 19.54
N GLU A 115 -6.70 -2.98 20.11
CA GLU A 115 -5.62 -3.26 21.04
C GLU A 115 -4.28 -3.42 20.32
N GLY A 116 -4.28 -4.12 19.18
CA GLY A 116 -3.03 -4.40 18.50
C GLY A 116 -2.45 -3.21 17.77
N SER A 117 -3.30 -2.30 17.30
CA SER A 117 -2.83 -1.09 16.66
C SER A 117 -2.09 -0.17 17.62
N LYS A 118 -2.16 -0.42 18.92
CA LYS A 118 -1.50 0.42 19.91
C LYS A 118 -0.24 -0.21 20.47
N GLN A 119 0.19 -1.35 19.94
CA GLN A 119 1.41 -1.98 20.40
C GLN A 119 2.60 -1.08 20.06
N PRO A 120 3.45 -0.75 21.04
CA PRO A 120 4.61 0.10 20.75
C PRO A 120 5.62 -0.60 19.85
N LEU A 121 6.54 0.19 19.31
CA LEU A 121 7.60 -0.37 18.47
C LEU A 121 8.39 -1.50 19.12
N PRO A 122 8.81 -1.41 20.40
CA PRO A 122 9.48 -2.59 21.00
C PRO A 122 8.64 -3.84 20.95
N LYS A 123 7.32 -3.72 21.12
CA LYS A 123 6.47 -4.90 20.99
C LYS A 123 6.44 -5.43 19.57
N LEU A 124 6.43 -4.53 18.58
CA LEU A 124 6.47 -5.00 17.20
C LEU A 124 7.77 -5.74 16.91
N ILE A 125 8.89 -5.27 17.48
CA ILE A 125 10.15 -5.99 17.31
C ILE A 125 10.10 -7.32 18.06
N ASP A 126 9.47 -7.32 19.24
CA ASP A 126 9.25 -8.56 19.97
C ASP A 126 8.51 -9.59 19.11
N PHE A 127 7.41 -9.17 18.49
CA PHE A 127 6.66 -10.07 17.61
C PHE A 127 7.56 -10.62 16.50
N SER A 128 8.35 -9.75 15.87
CA SER A 128 9.22 -10.17 14.79
C SER A 128 10.22 -11.22 15.25
N ALA A 129 10.83 -10.99 16.41
CA ALA A 129 11.83 -11.93 16.91
C ALA A 129 11.22 -13.27 17.28
N GLN A 130 9.98 -13.26 17.80
CA GLN A 130 9.31 -14.51 18.11
C GLN A 130 9.07 -15.34 16.85
N ILE A 131 8.58 -14.69 15.80
CA ILE A 131 8.36 -15.38 14.53
C ILE A 131 9.68 -15.88 13.96
N ALA A 132 10.73 -15.04 14.03
CA ALA A 132 12.04 -15.45 13.55
C ALA A 132 12.56 -16.66 14.31
N GLU A 133 12.30 -16.72 15.62
CA GLU A 133 12.70 -17.89 16.40
C GLU A 133 12.00 -19.14 15.89
N GLY A 134 10.69 -19.06 15.64
CA GLY A 134 9.98 -20.19 15.09
C GLY A 134 10.48 -20.60 13.73
N MET A 135 10.80 -19.62 12.87
CA MET A 135 11.32 -19.96 11.56
C MET A 135 12.73 -20.51 11.64
N ALA A 136 13.53 -20.05 12.61
CA ALA A 136 14.85 -20.63 12.81
C ALA A 136 14.73 -22.11 13.18
N PHE A 137 13.70 -22.46 13.95
CA PHE A 137 13.44 -23.86 14.26
C PHE A 137 13.09 -24.65 13.01
N ILE A 138 12.15 -24.12 12.22
CA ILE A 138 11.77 -24.76 10.95
C ILE A 138 13.00 -24.92 10.06
N GLU A 139 13.87 -23.91 10.03
CA GLU A 139 15.10 -23.98 9.27
C GLU A 139 16.01 -25.09 9.79
N GLN A 140 16.17 -25.17 11.12
CA GLN A 140 17.02 -26.21 11.71
C GLN A 140 16.48 -27.60 11.41
N ARG A 141 15.17 -27.75 11.32
CA ARG A 141 14.53 -29.03 11.05
C ARG A 141 14.39 -29.31 9.55
N ASN A 142 15.03 -28.49 8.71
CA ASN A 142 15.02 -28.69 7.26
C ASN A 142 13.59 -28.78 6.72
N TYR A 143 12.71 -27.96 7.27
CA TYR A 143 11.32 -27.84 6.82
C TYR A 143 11.16 -26.54 6.08
N ILE A 144 9.99 -26.37 5.45
CA ILE A 144 9.70 -25.19 4.64
C ILE A 144 8.26 -24.77 4.94
N HIS A 145 8.06 -23.48 5.25
CA HIS A 145 6.72 -23.04 5.58
C HIS A 145 5.83 -22.98 4.34
N ARG A 146 6.27 -22.25 3.32
CA ARG A 146 5.70 -22.11 1.98
C ARG A 146 4.62 -21.04 1.89
N ASP A 147 4.14 -20.51 3.00
CA ASP A 147 3.11 -19.47 2.96
C ASP A 147 3.20 -18.59 4.21
N LEU A 148 4.37 -17.99 4.42
CA LEU A 148 4.59 -17.14 5.58
C LEU A 148 4.06 -15.74 5.31
N ARG A 149 3.18 -15.26 6.19
CA ARG A 149 2.61 -13.92 6.13
C ARG A 149 1.86 -13.70 7.43
N ALA A 150 1.49 -12.44 7.69
CA ALA A 150 0.87 -12.10 8.97
C ALA A 150 -0.44 -12.84 9.18
N ALA A 151 -1.15 -13.14 8.09
CA ALA A 151 -2.39 -13.92 8.19
C ALA A 151 -2.14 -15.33 8.72
N ASN A 152 -0.91 -15.84 8.61
CA ASN A 152 -0.58 -17.18 9.06
C ASN A 152 0.26 -17.16 10.34
N ILE A 153 0.24 -16.05 11.06
CA ILE A 153 0.76 -15.96 12.42
C ILE A 153 -0.42 -15.81 13.35
N LEU A 154 -0.41 -16.55 14.46
CA LEU A 154 -1.47 -16.46 15.46
C LEU A 154 -0.91 -15.85 16.74
N VAL A 155 -1.81 -15.23 17.53
CA VAL A 155 -1.43 -14.47 18.71
C VAL A 155 -2.21 -15.00 19.89
N SER A 156 -1.53 -15.29 20.99
CA SER A 156 -2.17 -15.86 22.17
C SER A 156 -2.71 -14.75 23.06
N ALA A 157 -3.36 -15.14 24.16
CA ALA A 157 -3.91 -14.17 25.10
C ALA A 157 -2.83 -13.29 25.71
N SER A 158 -1.64 -13.86 25.94
CA SER A 158 -0.52 -13.13 26.51
C SER A 158 0.42 -12.57 25.44
N LEU A 159 -0.05 -12.51 24.19
CA LEU A 159 0.65 -11.86 23.07
C LEU A 159 1.87 -12.65 22.61
N VAL A 160 1.85 -13.97 22.76
CA VAL A 160 2.86 -14.83 22.15
C VAL A 160 2.46 -15.09 20.70
N CYS A 161 3.42 -14.92 19.78
CA CYS A 161 3.16 -15.15 18.36
C CYS A 161 3.60 -16.55 17.99
N LYS A 162 2.72 -17.28 17.28
CA LYS A 162 3.02 -18.64 16.90
C LYS A 162 2.74 -18.82 15.41
N ILE A 163 3.60 -19.59 14.76
CA ILE A 163 3.50 -19.80 13.32
C ILE A 163 2.47 -20.88 13.02
N ALA A 164 1.54 -20.58 12.12
CA ALA A 164 0.49 -21.50 11.73
C ALA A 164 0.64 -21.88 10.27
N ASP A 165 -0.03 -22.96 9.89
CA ASP A 165 -0.09 -23.47 8.51
C ASP A 165 1.26 -23.84 7.95
N PHE A 166 2.25 -24.17 8.80
CA PHE A 166 3.56 -24.52 8.27
C PHE A 166 3.47 -25.79 7.42
N GLY A 167 3.87 -25.68 6.15
CA GLY A 167 3.84 -26.79 5.23
C GLY A 167 2.48 -27.09 4.62
N LEU A 168 1.42 -26.41 5.04
CA LEU A 168 0.08 -26.81 4.62
C LEU A 168 -0.16 -26.56 3.13
N ALA A 169 0.45 -25.53 2.55
CA ALA A 169 0.22 -25.25 1.14
C ALA A 169 0.65 -26.40 0.25
N ARG A 170 1.59 -27.23 0.70
CA ARG A 170 2.08 -28.34 -0.12
C ARG A 170 1.03 -29.43 -0.28
N VAL A 171 0.09 -29.55 0.66
CA VAL A 171 -0.92 -30.60 0.59
C VAL A 171 -2.30 -30.06 0.24
N ILE A 172 -2.40 -28.81 -0.17
CA ILE A 172 -3.61 -28.30 -0.80
C ILE A 172 -3.58 -28.68 -2.28
N GLU A 173 -4.58 -29.44 -2.71
CA GLU A 173 -4.59 -29.93 -4.08
C GLU A 173 -5.01 -28.85 -5.06
N ASP A 174 -4.50 -28.95 -6.29
CA ASP A 174 -4.89 -28.08 -7.40
C ASP A 174 -5.81 -28.90 -8.29
N ASN A 175 -7.10 -28.62 -8.23
CA ASN A 175 -8.09 -29.36 -9.01
C ASN A 175 -9.25 -28.43 -9.32
N GLU A 176 -10.33 -28.98 -9.87
CA GLU A 176 -11.48 -28.16 -10.22
C GLU A 176 -12.11 -27.52 -8.99
N TYR A 177 -11.97 -28.13 -7.81
CA TYR A 177 -12.62 -27.60 -6.62
C TYR A 177 -11.86 -26.43 -6.03
N THR A 178 -10.54 -26.53 -5.92
CA THR A 178 -9.75 -25.46 -5.35
C THR A 178 -9.48 -24.31 -6.33
N ALA A 179 -9.54 -24.59 -7.64
CA ALA A 179 -9.33 -23.53 -8.62
C ALA A 179 -10.38 -22.44 -8.49
N ARG A 180 -11.58 -22.80 -8.02
CA ARG A 180 -12.66 -21.81 -7.86
C ARG A 180 -12.42 -20.85 -6.71
N GLU A 181 -11.42 -21.10 -5.87
CA GLU A 181 -11.16 -20.28 -4.70
C GLU A 181 -10.12 -19.20 -4.95
N GLY A 182 -9.56 -19.13 -6.15
CA GLY A 182 -8.64 -18.06 -6.48
C GLY A 182 -7.19 -18.40 -6.21
N ALA A 183 -6.37 -17.39 -5.92
CA ALA A 183 -4.93 -17.59 -5.87
C ALA A 183 -4.53 -18.42 -4.66
N LYS A 184 -3.71 -19.44 -4.91
CA LYS A 184 -3.21 -20.28 -3.84
C LYS A 184 -2.19 -19.55 -2.97
N PHE A 185 -1.19 -18.94 -3.61
CA PHE A 185 -0.24 -18.14 -2.87
C PHE A 185 -0.26 -16.70 -3.36
N PRO A 186 -0.08 -15.73 -2.48
CA PRO A 186 -0.18 -14.33 -2.93
C PRO A 186 1.12 -13.82 -3.50
N ILE A 187 1.02 -13.21 -4.68
CA ILE A 187 2.20 -12.78 -5.44
C ILE A 187 3.09 -11.87 -4.61
N LYS A 188 2.51 -10.90 -3.90
CA LYS A 188 3.34 -9.88 -3.30
C LYS A 188 4.12 -10.40 -2.09
N TRP A 189 3.78 -11.58 -1.56
CA TRP A 189 4.49 -12.22 -0.45
C TRP A 189 5.56 -13.21 -0.91
N THR A 190 5.61 -13.56 -2.20
CA THR A 190 6.31 -14.75 -2.67
C THR A 190 7.60 -14.37 -3.40
N ALA A 191 8.67 -15.09 -3.08
CA ALA A 191 9.95 -14.82 -3.70
C ALA A 191 9.87 -15.00 -5.21
N PRO A 192 10.60 -14.19 -5.98
CA PRO A 192 10.49 -14.28 -7.45
C PRO A 192 10.75 -15.67 -8.01
N GLU A 193 11.77 -16.37 -7.50
CA GLU A 193 12.07 -17.69 -8.02
C GLU A 193 11.00 -18.71 -7.66
N ALA A 194 10.25 -18.48 -6.59
CA ALA A 194 9.13 -19.37 -6.28
C ALA A 194 7.97 -19.15 -7.24
N ILE A 195 7.69 -17.90 -7.58
CA ILE A 195 6.67 -17.59 -8.58
C ILE A 195 7.08 -18.15 -9.94
N ASN A 196 8.33 -17.89 -10.33
CA ASN A 196 8.75 -18.11 -11.72
C ASN A 196 9.11 -19.56 -12.00
N PHE A 197 9.57 -20.30 -10.99
CA PHE A 197 10.05 -21.66 -11.20
C PHE A 197 9.56 -22.66 -10.17
N GLY A 198 8.57 -22.31 -9.34
CA GLY A 198 8.13 -23.21 -8.29
C GLY A 198 9.22 -23.57 -7.31
N SER A 199 10.17 -22.66 -7.08
CA SER A 199 11.36 -22.94 -6.26
C SER A 199 11.09 -22.50 -4.81
N PHE A 200 10.35 -23.33 -4.09
CA PHE A 200 10.04 -23.04 -2.69
C PHE A 200 11.11 -23.67 -1.80
N THR A 201 11.84 -22.82 -1.08
CA THR A 201 12.89 -23.25 -0.18
C THR A 201 12.81 -22.44 1.10
N ILE A 202 13.66 -22.78 2.08
CA ILE A 202 13.74 -21.94 3.27
C ILE A 202 14.13 -20.51 2.88
N LYS A 203 14.84 -20.34 1.75
CA LYS A 203 15.23 -19.00 1.32
C LYS A 203 14.06 -18.22 0.74
N SER A 204 13.09 -18.89 0.12
CA SER A 204 11.89 -18.17 -0.29
C SER A 204 11.03 -17.83 0.92
N ASP A 205 11.09 -18.63 1.98
CA ASP A 205 10.50 -18.25 3.25
C ASP A 205 11.15 -16.97 3.79
N VAL A 206 12.48 -16.86 3.65
CA VAL A 206 13.19 -15.67 4.13
C VAL A 206 12.67 -14.42 3.42
N TRP A 207 12.48 -14.50 2.10
CA TRP A 207 11.87 -13.40 1.37
C TRP A 207 10.51 -13.05 1.96
N SER A 208 9.66 -14.05 2.14
CA SER A 208 8.32 -13.82 2.70
C SER A 208 8.40 -13.18 4.08
N PHE A 209 9.37 -13.61 4.91
CA PHE A 209 9.52 -13.01 6.23
C PHE A 209 9.81 -11.52 6.13
N GLY A 210 10.62 -11.12 5.15
CA GLY A 210 10.82 -9.69 4.92
C GLY A 210 9.53 -8.94 4.66
N ILE A 211 8.65 -9.52 3.84
CA ILE A 211 7.36 -8.88 3.59
C ILE A 211 6.52 -8.86 4.86
N LEU A 212 6.60 -9.93 5.64
CA LEU A 212 5.89 -9.98 6.92
C LEU A 212 6.41 -8.92 7.88
N LEU A 213 7.73 -8.69 7.89
CA LEU A 213 8.30 -7.65 8.74
C LEU A 213 7.78 -6.27 8.35
N MET A 214 7.60 -6.02 7.06
CA MET A 214 6.94 -4.79 6.62
C MET A 214 5.48 -4.76 7.07
N GLU A 215 4.78 -5.89 7.00
CA GLU A 215 3.42 -5.95 7.52
C GLU A 215 3.38 -5.52 8.98
N ILE A 216 4.32 -6.01 9.79
CA ILE A 216 4.29 -5.73 11.21
C ILE A 216 4.52 -4.24 11.47
N VAL A 217 5.55 -3.65 10.85
CA VAL A 217 5.86 -2.26 11.18
C VAL A 217 4.81 -1.30 10.64
N THR A 218 4.01 -1.72 9.65
CA THR A 218 2.93 -0.90 9.12
C THR A 218 1.58 -1.26 9.71
N TYR A 219 1.54 -2.14 10.70
CA TYR A 219 0.30 -2.54 11.35
C TYR A 219 -0.70 -3.13 10.35
N GLY A 220 -0.20 -3.92 9.42
CA GLY A 220 -1.04 -4.70 8.54
C GLY A 220 -1.38 -4.10 7.20
N ARG A 221 -0.65 -3.08 6.75
CA ARG A 221 -0.89 -2.54 5.43
C ARG A 221 -0.63 -3.59 4.36
N ILE A 222 -1.36 -3.49 3.25
CA ILE A 222 -1.08 -4.34 2.10
C ILE A 222 0.37 -4.11 1.67
N PRO A 223 1.11 -5.13 1.28
CA PRO A 223 2.42 -4.87 0.68
C PRO A 223 2.25 -4.12 -0.63
N TYR A 224 3.28 -3.35 -0.98
CA TYR A 224 3.32 -2.59 -2.23
C TYR A 224 2.04 -1.78 -2.46
N PRO A 225 1.72 -0.84 -1.58
CA PRO A 225 0.47 -0.08 -1.73
C PRO A 225 0.41 0.61 -3.08
N GLY A 226 -0.77 0.59 -3.68
CA GLY A 226 -1.00 1.22 -4.96
C GLY A 226 -0.50 0.45 -6.16
N MET A 227 0.03 -0.75 -5.98
CA MET A 227 0.66 -1.49 -7.07
C MET A 227 -0.12 -2.77 -7.35
N SER A 228 -0.34 -3.05 -8.63
CA SER A 228 -0.90 -4.31 -9.04
C SER A 228 0.15 -5.40 -8.94
N ASN A 229 -0.30 -6.65 -9.00
CA ASN A 229 0.65 -7.77 -8.99
C ASN A 229 1.61 -7.74 -10.17
N PRO A 230 1.20 -7.48 -11.42
CA PRO A 230 2.22 -7.35 -12.49
C PRO A 230 3.20 -6.23 -12.22
N GLU A 231 2.73 -5.11 -11.66
CA GLU A 231 3.62 -3.99 -11.38
C GLU A 231 4.67 -4.37 -10.33
N VAL A 232 4.28 -5.19 -9.35
CA VAL A 232 5.24 -5.62 -8.34
C VAL A 232 6.31 -6.52 -8.96
N ILE A 233 5.88 -7.49 -9.78
CA ILE A 233 6.84 -8.43 -10.37
C ILE A 233 7.86 -7.69 -11.24
N ARG A 234 7.39 -6.79 -12.10
CA ARG A 234 8.32 -6.09 -12.98
C ARG A 234 9.20 -5.11 -12.22
N ALA A 235 8.65 -4.45 -11.19
CA ALA A 235 9.46 -3.53 -10.40
C ALA A 235 10.58 -4.26 -9.68
N LEU A 236 10.26 -5.41 -9.06
CA LEU A 236 11.27 -6.19 -8.36
C LEU A 236 12.39 -6.62 -9.30
N GLU A 237 12.05 -7.04 -10.52
CA GLU A 237 13.06 -7.43 -11.50
C GLU A 237 14.01 -6.29 -11.83
N ARG A 238 13.59 -5.04 -11.62
CA ARG A 238 14.43 -3.87 -11.87
C ARG A 238 15.02 -3.29 -10.60
N GLY A 239 15.06 -4.05 -9.52
CA GLY A 239 15.70 -3.62 -8.30
C GLY A 239 14.83 -2.79 -7.38
N TYR A 240 13.58 -2.55 -7.73
CA TYR A 240 12.68 -1.88 -6.81
C TYR A 240 12.46 -2.75 -5.58
N ARG A 241 12.47 -2.11 -4.42
CA ARG A 241 12.04 -2.72 -3.18
C ARG A 241 11.17 -1.68 -2.47
N MET A 242 10.24 -2.16 -1.66
CA MET A 242 9.40 -1.22 -0.92
C MET A 242 10.30 -0.24 -0.14
N PRO A 243 10.08 1.06 -0.28
CA PRO A 243 10.84 2.02 0.52
C PRO A 243 10.49 1.94 2.00
N ARG A 244 11.40 2.45 2.82
CA ARG A 244 11.22 2.43 4.27
C ARG A 244 10.04 3.31 4.64
N PRO A 245 9.06 2.78 5.36
CA PRO A 245 7.87 3.57 5.73
C PRO A 245 8.12 4.40 6.98
N GLU A 246 7.10 5.18 7.33
CA GLU A 246 7.07 5.91 8.59
C GLU A 246 7.36 4.98 9.76
N ASN A 247 7.99 5.54 10.79
CA ASN A 247 8.17 4.85 12.07
C ASN A 247 8.69 3.43 11.87
N CYS A 248 9.59 3.30 10.90
CA CYS A 248 10.34 2.06 10.70
C CYS A 248 11.80 2.37 10.92
N PRO A 249 12.40 1.91 12.02
CA PRO A 249 13.83 2.11 12.21
C PRO A 249 14.64 1.54 11.05
N GLU A 250 15.75 2.21 10.75
CA GLU A 250 16.63 1.75 9.68
C GLU A 250 17.16 0.35 9.97
N GLU A 251 17.36 0.01 11.24
CA GLU A 251 17.81 -1.34 11.61
C GLU A 251 16.84 -2.39 11.08
N LEU A 252 15.54 -2.16 11.28
CA LEU A 252 14.52 -3.11 10.84
C LEU A 252 14.44 -3.15 9.31
N TYR A 253 14.51 -1.98 8.67
CA TYR A 253 14.45 -1.94 7.22
C TYR A 253 15.65 -2.64 6.59
N ASN A 254 16.82 -2.53 7.21
CA ASN A 254 18.00 -3.20 6.69
C ASN A 254 17.84 -4.71 6.72
N ILE A 255 17.14 -5.24 7.72
CA ILE A 255 16.86 -6.67 7.76
C ILE A 255 15.93 -7.06 6.62
N MET A 256 14.91 -6.24 6.35
CA MET A 256 14.01 -6.50 5.22
C MET A 256 14.79 -6.58 3.92
N MET A 257 15.69 -5.61 3.69
CA MET A 257 16.43 -5.56 2.43
C MET A 257 17.32 -6.79 2.25
N ARG A 258 17.94 -7.26 3.34
CA ARG A 258 18.69 -8.52 3.27
C ARG A 258 17.78 -9.66 2.86
N CYS A 259 16.55 -9.68 3.36
CA CYS A 259 15.63 -10.76 3.02
C CYS A 259 15.24 -10.71 1.54
N TRP A 260 15.30 -9.54 0.92
CA TRP A 260 14.80 -9.36 -0.44
C TRP A 260 15.93 -9.39 -1.46
N LYS A 261 17.07 -10.00 -1.13
CA LYS A 261 18.11 -10.16 -2.14
C LYS A 261 17.59 -11.02 -3.29
N ASN A 262 18.00 -10.67 -4.50
CA ASN A 262 17.52 -11.38 -5.68
C ASN A 262 17.99 -12.83 -5.67
N ARG A 263 19.26 -13.06 -5.37
CA ARG A 263 19.78 -14.42 -5.31
C ARG A 263 19.40 -15.07 -3.99
N PRO A 264 18.73 -16.23 -4.01
CA PRO A 264 18.30 -16.87 -2.76
C PRO A 264 19.45 -17.17 -1.80
N GLU A 265 20.58 -17.63 -2.33
CA GLU A 265 21.70 -17.99 -1.45
C GLU A 265 22.31 -16.78 -0.75
N GLU A 266 22.04 -15.56 -1.24
CA GLU A 266 22.52 -14.35 -0.59
C GLU A 266 21.59 -13.85 0.51
N ARG A 267 20.42 -14.46 0.68
CA ARG A 267 19.56 -14.07 1.78
C ARG A 267 20.08 -14.67 3.08
N PRO A 268 19.88 -13.99 4.20
CA PRO A 268 20.40 -14.50 5.48
C PRO A 268 19.65 -15.74 5.93
N THR A 269 20.25 -16.42 6.90
CA THR A 269 19.53 -17.50 7.56
C THR A 269 18.57 -16.92 8.59
N PHE A 270 17.59 -17.74 8.99
CA PHE A 270 16.71 -17.31 10.07
C PHE A 270 17.43 -17.29 11.42
N GLU A 271 18.47 -18.11 11.58
CA GLU A 271 19.31 -18.01 12.76
C GLU A 271 19.95 -16.63 12.84
N TYR A 272 20.38 -16.10 11.70
CA TYR A 272 20.92 -14.74 11.67
C TYR A 272 19.84 -13.71 11.95
N ILE A 273 18.70 -13.83 11.27
CA ILE A 273 17.62 -12.87 11.46
C ILE A 273 17.19 -12.83 12.92
N GLN A 274 17.03 -14.01 13.53
CA GLN A 274 16.59 -14.07 14.92
C GLN A 274 17.58 -13.38 15.85
N SER A 275 18.87 -13.55 15.59
CA SER A 275 19.87 -12.95 16.46
C SER A 275 19.89 -11.43 16.32
N VAL A 276 19.75 -10.93 15.09
CA VAL A 276 19.80 -9.48 14.88
C VAL A 276 18.53 -8.83 15.44
N LEU A 277 17.37 -9.47 15.27
CA LEU A 277 16.14 -8.93 15.81
C LEU A 277 16.16 -8.93 17.33
N ASP A 278 16.75 -9.96 17.94
CA ASP A 278 16.89 -9.98 19.38
C ASP A 278 17.76 -8.81 19.86
N ASP A 279 18.84 -8.52 19.14
CA ASP A 279 19.66 -7.37 19.48
C ASP A 279 18.88 -6.07 19.38
N PHE A 280 18.15 -5.89 18.27
CA PHE A 280 17.41 -4.64 18.11
C PHE A 280 16.29 -4.51 19.11
N TYR A 281 15.73 -5.63 19.58
CA TYR A 281 14.66 -5.56 20.56
C TYR A 281 15.14 -4.93 21.87
N THR A 282 16.23 -5.47 22.43
CA THR A 282 16.74 -4.93 23.69
C THR A 282 17.18 -3.48 23.54
N ALA A 283 17.72 -3.11 22.37
CA ALA A 283 18.09 -1.72 22.13
C ALA A 283 16.86 -0.81 22.14
N THR A 284 15.71 -1.33 21.74
CA THR A 284 14.49 -0.52 21.73
C THR A 284 13.70 -0.73 23.02
N PRO B 15 1.81 33.06 -27.11
CA PRO B 15 1.39 31.89 -27.90
C PRO B 15 2.57 30.97 -28.23
N TRP B 16 2.63 29.82 -27.57
CA TRP B 16 3.69 28.87 -27.89
C TRP B 16 3.52 28.37 -29.32
N GLU B 17 4.64 28.22 -30.02
CA GLU B 17 4.60 27.81 -31.42
C GLU B 17 4.12 26.37 -31.53
N LYS B 18 3.00 26.18 -32.22
CA LYS B 18 2.34 24.88 -32.25
C LYS B 18 3.24 23.78 -32.79
N ASP B 19 4.15 24.12 -33.70
CA ASP B 19 4.99 23.11 -34.35
C ASP B 19 6.19 22.71 -33.50
N ALA B 20 6.40 23.34 -32.34
CA ALA B 20 7.53 23.02 -31.48
C ALA B 20 7.05 22.07 -30.40
N TRP B 21 7.35 20.78 -30.58
CA TRP B 21 6.98 19.76 -29.60
C TRP B 21 8.22 19.10 -29.01
N GLU B 22 8.98 18.34 -29.80
CA GLU B 22 10.23 17.77 -29.33
C GLU B 22 11.35 18.75 -29.68
N ILE B 23 11.98 19.31 -28.65
CA ILE B 23 12.92 20.42 -28.84
C ILE B 23 14.29 19.98 -28.35
N PRO B 24 15.35 20.64 -28.80
CA PRO B 24 16.69 20.31 -28.29
C PRO B 24 16.95 20.96 -26.95
N ARG B 25 17.82 20.30 -26.17
CA ARG B 25 18.17 20.80 -24.85
C ARG B 25 18.78 22.19 -24.91
N GLU B 26 19.52 22.49 -25.99
CA GLU B 26 20.19 23.77 -26.14
C GLU B 26 19.23 24.93 -26.37
N SER B 27 17.96 24.66 -26.71
CA SER B 27 16.98 25.73 -26.84
C SER B 27 16.57 26.33 -25.50
N LEU B 28 17.01 25.74 -24.39
CA LEU B 28 16.58 26.14 -23.06
C LEU B 28 17.76 26.68 -22.26
N LYS B 29 17.60 27.87 -21.71
CA LYS B 29 18.54 28.43 -20.75
C LYS B 29 17.89 28.36 -19.37
N LEU B 30 18.35 27.44 -18.54
CA LEU B 30 17.84 27.33 -17.19
C LEU B 30 18.29 28.56 -16.39
N GLU B 31 17.33 29.35 -15.92
CA GLU B 31 17.62 30.60 -15.25
C GLU B 31 17.68 30.46 -13.74
N LYS B 32 16.67 29.85 -13.14
CA LYS B 32 16.58 29.77 -11.69
C LYS B 32 15.97 28.44 -11.28
N LYS B 33 16.60 27.78 -10.31
CA LYS B 33 16.06 26.55 -9.74
C LYS B 33 14.91 26.90 -8.82
N LEU B 34 13.73 26.35 -9.12
CA LEU B 34 12.55 26.61 -8.31
C LEU B 34 12.41 25.64 -7.14
N GLY B 35 12.98 24.46 -7.26
CA GLY B 35 12.93 23.47 -6.20
C GLY B 35 13.27 22.11 -6.71
N ALA B 36 13.60 21.22 -5.78
CA ALA B 36 13.94 19.84 -6.08
C ALA B 36 12.96 18.91 -5.40
N GLY B 37 12.34 18.04 -6.19
CA GLY B 37 11.42 17.03 -5.68
C GLY B 37 12.07 15.66 -5.61
N GLN B 38 11.21 14.65 -5.40
CA GLN B 38 11.70 13.28 -5.30
C GLN B 38 12.25 12.80 -6.64
N PHE B 39 11.48 12.97 -7.71
CA PHE B 39 11.79 12.34 -8.99
C PHE B 39 12.25 13.33 -10.05
N GLY B 40 12.38 14.61 -9.71
CA GLY B 40 12.86 15.59 -10.67
C GLY B 40 13.03 16.94 -10.02
N GLU B 41 13.53 17.89 -10.81
CA GLU B 41 13.68 19.28 -10.40
C GLU B 41 12.94 20.18 -11.37
N VAL B 42 12.60 21.38 -10.91
CA VAL B 42 11.87 22.34 -11.74
C VAL B 42 12.67 23.63 -11.80
N TRP B 43 12.73 24.22 -13.00
CA TRP B 43 13.48 25.43 -13.27
C TRP B 43 12.59 26.46 -13.95
N MET B 44 12.86 27.73 -13.66
CA MET B 44 12.44 28.80 -14.54
C MET B 44 13.48 28.92 -15.64
N ALA B 45 13.03 29.01 -16.89
CA ALA B 45 13.95 28.97 -18.01
C ALA B 45 13.47 29.88 -19.12
N THR B 46 14.38 30.13 -20.06
CA THR B 46 14.10 30.88 -21.28
C THR B 46 14.25 29.94 -22.46
N TYR B 47 13.21 29.87 -23.29
CA TYR B 47 13.23 29.06 -24.50
C TYR B 47 13.52 29.94 -25.70
N ASN B 48 14.53 29.56 -26.48
CA ASN B 48 14.87 30.24 -27.74
C ASN B 48 15.06 31.74 -27.53
N LYS B 49 15.75 32.09 -26.46
CA LYS B 49 16.20 33.45 -26.14
C LYS B 49 15.04 34.42 -25.88
N HIS B 50 13.80 33.96 -25.79
CA HIS B 50 12.70 34.93 -25.77
C HIS B 50 11.48 34.54 -24.96
N THR B 51 11.31 33.24 -24.66
CA THR B 51 10.07 32.76 -24.05
C THR B 51 10.34 32.23 -22.65
N LYS B 52 9.70 32.84 -21.66
CA LYS B 52 9.79 32.37 -20.28
C LYS B 52 8.93 31.14 -20.10
N VAL B 53 9.54 30.06 -19.59
CA VAL B 53 8.86 28.79 -19.39
C VAL B 53 9.31 28.19 -18.06
N ALA B 54 8.62 27.13 -17.66
CA ALA B 54 9.08 26.25 -16.59
C ALA B 54 9.57 24.95 -17.23
N VAL B 55 10.62 24.38 -16.66
CA VAL B 55 11.18 23.13 -17.15
C VAL B 55 11.29 22.17 -15.97
N LYS B 56 10.62 21.04 -16.06
CA LYS B 56 10.75 19.96 -15.09
C LYS B 56 11.75 18.97 -15.66
N THR B 57 12.91 18.86 -15.02
CA THR B 57 13.94 17.93 -15.43
C THR B 57 13.83 16.69 -14.56
N MET B 58 13.54 15.55 -15.18
CA MET B 58 13.38 14.32 -14.43
C MET B 58 14.74 13.76 -14.06
N LYS B 59 14.81 13.10 -12.91
CA LYS B 59 16.05 12.46 -12.51
C LYS B 59 16.32 11.25 -13.38
N PRO B 60 17.59 10.93 -13.64
CA PRO B 60 17.92 9.73 -14.41
C PRO B 60 17.32 8.49 -13.74
N GLY B 61 16.69 7.65 -14.55
CA GLY B 61 16.01 6.47 -14.07
C GLY B 61 14.57 6.66 -13.68
N SER B 62 14.07 7.90 -13.64
CA SER B 62 12.70 8.13 -13.19
C SER B 62 11.67 7.84 -14.27
N MET B 63 12.05 7.95 -15.53
CA MET B 63 11.07 7.93 -16.61
C MET B 63 11.68 7.36 -17.87
N SER B 64 10.89 6.54 -18.58
CA SER B 64 11.26 6.02 -19.88
C SER B 64 10.88 7.02 -20.96
N VAL B 65 11.78 7.20 -21.94
CA VAL B 65 11.54 8.15 -23.02
C VAL B 65 10.34 7.68 -23.86
N GLU B 66 10.32 6.41 -24.23
CA GLU B 66 9.25 5.89 -25.08
C GLU B 66 7.91 5.90 -24.35
N ALA B 67 7.92 5.49 -23.08
CA ALA B 67 6.67 5.46 -22.31
C ALA B 67 6.16 6.86 -22.04
N PHE B 68 7.06 7.79 -21.70
CA PHE B 68 6.63 9.16 -21.43
C PHE B 68 6.06 9.81 -22.69
N LEU B 69 6.79 9.70 -23.81
CA LEU B 69 6.32 10.33 -25.04
C LEU B 69 4.94 9.82 -25.44
N ALA B 70 4.71 8.51 -25.31
CA ALA B 70 3.40 7.95 -25.62
C ALA B 70 2.32 8.59 -24.74
N GLU B 71 2.62 8.77 -23.46
CA GLU B 71 1.65 9.42 -22.56
C GLU B 71 1.62 10.93 -22.77
N ALA B 72 2.79 11.55 -22.98
CA ALA B 72 2.84 13.00 -23.15
C ALA B 72 2.08 13.45 -24.39
N ASN B 73 1.94 12.57 -25.38
CA ASN B 73 1.13 12.92 -26.54
C ASN B 73 -0.37 12.88 -26.22
N VAL B 74 -0.77 12.24 -25.13
CA VAL B 74 -2.14 12.37 -24.66
C VAL B 74 -2.27 13.61 -23.79
N MET B 75 -1.35 13.80 -22.84
CA MET B 75 -1.34 14.98 -21.98
C MET B 75 -1.47 16.27 -22.78
N LYS B 76 -0.66 16.42 -23.83
CA LYS B 76 -0.61 17.69 -24.54
C LYS B 76 -1.94 18.06 -25.17
N THR B 77 -2.81 17.09 -25.44
CA THR B 77 -4.14 17.36 -25.94
C THR B 77 -5.12 17.80 -24.86
N LEU B 78 -4.73 17.70 -23.58
CA LEU B 78 -5.60 18.09 -22.47
C LEU B 78 -5.43 19.59 -22.23
N GLN B 79 -5.99 20.38 -23.14
CA GLN B 79 -5.83 21.82 -23.14
C GLN B 79 -7.08 22.47 -22.57
N HIS B 80 -6.91 23.23 -21.50
CA HIS B 80 -7.99 23.81 -20.72
C HIS B 80 -7.41 24.89 -19.85
N ASP B 81 -8.22 25.92 -19.56
CA ASP B 81 -7.71 27.08 -18.83
C ASP B 81 -7.26 26.72 -17.41
N LYS B 82 -7.82 25.64 -16.85
CA LYS B 82 -7.48 25.23 -15.49
C LYS B 82 -6.49 24.08 -15.45
N LEU B 83 -5.83 23.79 -16.57
CA LEU B 83 -4.74 22.81 -16.60
C LEU B 83 -3.48 23.51 -17.09
N VAL B 84 -2.35 23.21 -16.43
CA VAL B 84 -1.07 23.75 -16.86
C VAL B 84 -0.80 23.31 -18.29
N LYS B 85 -0.39 24.25 -19.13
CA LYS B 85 -0.13 23.99 -20.54
C LYS B 85 1.18 23.24 -20.70
N LEU B 86 1.14 22.06 -21.33
CA LEU B 86 2.33 21.30 -21.67
C LEU B 86 2.80 21.74 -23.06
N HIS B 87 3.95 22.42 -23.12
CA HIS B 87 4.46 23.00 -24.36
C HIS B 87 5.32 22.04 -25.16
N ALA B 88 6.35 21.47 -24.54
CA ALA B 88 7.38 20.75 -25.27
C ALA B 88 8.06 19.74 -24.37
N VAL B 89 8.87 18.87 -24.97
CA VAL B 89 9.67 17.89 -24.25
C VAL B 89 11.06 17.81 -24.86
N VAL B 90 12.02 17.34 -24.06
CA VAL B 90 13.35 17.00 -24.54
C VAL B 90 13.54 15.51 -24.32
N THR B 91 13.85 14.79 -25.40
CA THR B 91 13.87 13.33 -25.37
C THR B 91 15.19 12.75 -24.87
N LYS B 92 16.27 13.52 -24.90
CA LYS B 92 17.53 13.03 -24.36
C LYS B 92 17.41 12.76 -22.87
N GLU B 93 18.17 11.78 -22.40
CA GLU B 93 18.08 11.41 -20.99
C GLU B 93 18.86 12.41 -20.16
N PRO B 94 18.32 12.88 -19.03
CA PRO B 94 16.95 12.54 -18.64
C PRO B 94 15.93 13.55 -19.17
N ILE B 95 14.68 13.11 -19.31
CA ILE B 95 13.67 13.89 -20.01
C ILE B 95 13.42 15.23 -19.35
N TYR B 96 13.19 16.25 -20.17
CA TYR B 96 12.69 17.56 -19.74
C TYR B 96 11.23 17.69 -20.15
N ILE B 97 10.43 18.29 -19.26
CA ILE B 97 9.03 18.61 -19.56
C ILE B 97 8.90 20.12 -19.47
N ILE B 98 8.48 20.76 -20.57
CA ILE B 98 8.43 22.21 -20.68
C ILE B 98 6.98 22.66 -20.66
N THR B 99 6.66 23.57 -19.74
CA THR B 99 5.30 24.04 -19.53
C THR B 99 5.31 25.55 -19.38
N GLU B 100 4.12 26.13 -19.32
CA GLU B 100 3.99 27.55 -18.97
C GLU B 100 4.52 27.77 -17.56
N PHE B 101 4.98 28.99 -17.32
CA PHE B 101 5.50 29.39 -16.01
C PHE B 101 4.39 29.99 -15.16
N MET B 102 4.28 29.53 -13.92
CA MET B 102 3.22 29.97 -13.00
C MET B 102 3.88 30.74 -11.87
N ALA B 103 3.64 32.05 -11.80
CA ALA B 103 4.49 32.95 -11.04
C ALA B 103 4.37 32.75 -9.53
N LYS B 104 3.25 32.22 -9.04
CA LYS B 104 3.08 32.06 -7.61
C LYS B 104 3.25 30.62 -7.14
N GLY B 105 3.83 29.75 -7.98
CA GLY B 105 4.25 28.45 -7.50
C GLY B 105 3.09 27.53 -7.16
N SER B 106 3.33 26.63 -6.21
CA SER B 106 2.29 25.68 -5.84
C SER B 106 1.27 26.35 -4.92
N LEU B 107 0.03 25.86 -5.02
CA LEU B 107 -1.03 26.33 -4.14
C LEU B 107 -0.69 26.04 -2.69
N LEU B 108 -0.07 24.90 -2.41
CA LEU B 108 0.34 24.59 -1.05
C LEU B 108 1.27 25.66 -0.49
N ASP B 109 2.33 25.99 -1.24
CA ASP B 109 3.23 27.04 -0.81
C ASP B 109 2.52 28.38 -0.73
N PHE B 110 1.64 28.65 -1.71
CA PHE B 110 0.94 29.92 -1.71
C PHE B 110 0.08 30.09 -0.48
N LEU B 111 -0.67 29.05 -0.10
CA LEU B 111 -1.51 29.12 1.09
C LEU B 111 -0.70 29.29 2.37
N LYS B 112 0.57 28.90 2.36
CA LYS B 112 1.44 29.04 3.52
C LYS B 112 2.40 30.23 3.40
N SER B 113 2.12 31.14 2.46
CA SER B 113 2.92 32.35 2.28
C SER B 113 2.21 33.54 2.91
N ASP B 114 2.94 34.64 3.02
CA ASP B 114 2.36 35.87 3.58
C ASP B 114 1.10 36.28 2.82
N GLU B 115 1.18 36.31 1.48
CA GLU B 115 0.05 36.79 0.70
C GLU B 115 -1.08 35.77 0.67
N GLY B 116 -0.76 34.50 0.48
CA GLY B 116 -1.81 33.50 0.32
C GLY B 116 -2.51 33.15 1.61
N SER B 117 -1.82 33.26 2.74
CA SER B 117 -2.48 32.99 4.02
C SER B 117 -3.56 34.02 4.34
N LYS B 118 -3.62 35.14 3.61
CA LYS B 118 -4.59 36.18 3.87
C LYS B 118 -5.77 36.17 2.90
N GLN B 119 -5.88 35.14 2.07
CA GLN B 119 -6.99 35.09 1.12
C GLN B 119 -8.29 34.81 1.86
N PRO B 120 -9.32 35.63 1.67
CA PRO B 120 -10.60 35.41 2.38
C PRO B 120 -11.27 34.13 1.92
N LEU B 121 -12.26 33.71 2.71
CA LEU B 121 -13.01 32.49 2.38
C LEU B 121 -13.58 32.47 0.97
N PRO B 122 -14.19 33.55 0.44
CA PRO B 122 -14.66 33.50 -0.95
C PRO B 122 -13.56 33.20 -1.96
N LYS B 123 -12.35 33.72 -1.73
CA LYS B 123 -11.23 33.38 -2.61
C LYS B 123 -10.88 31.90 -2.50
N LEU B 124 -10.89 31.36 -1.28
CA LEU B 124 -10.62 29.92 -1.14
C LEU B 124 -11.65 29.08 -1.88
N ILE B 125 -12.93 29.44 -1.78
CA ILE B 125 -13.96 28.73 -2.55
C ILE B 125 -13.69 28.87 -4.04
N ASP B 126 -13.31 30.06 -4.47
CA ASP B 126 -13.00 30.27 -5.89
C ASP B 126 -11.85 29.36 -6.34
N PHE B 127 -10.79 29.25 -5.53
CA PHE B 127 -9.71 28.32 -5.85
C PHE B 127 -10.25 26.90 -6.04
N SER B 128 -11.10 26.46 -5.11
CA SER B 128 -11.64 25.11 -5.17
C SER B 128 -12.48 24.92 -6.42
N ALA B 129 -13.27 25.93 -6.79
CA ALA B 129 -14.11 25.82 -7.96
C ALA B 129 -13.29 25.78 -9.23
N GLN B 130 -12.20 26.55 -9.28
CA GLN B 130 -11.31 26.49 -10.44
C GLN B 130 -10.72 25.09 -10.60
N ILE B 131 -10.23 24.51 -9.51
CA ILE B 131 -9.66 23.17 -9.59
C ILE B 131 -10.71 22.15 -10.00
N ALA B 132 -11.93 22.29 -9.46
CA ALA B 132 -13.01 21.39 -9.83
C ALA B 132 -13.34 21.48 -11.31
N GLU B 133 -13.33 22.69 -11.86
CA GLU B 133 -13.57 22.85 -13.29
C GLU B 133 -12.50 22.13 -14.12
N GLY B 134 -11.25 22.24 -13.69
CA GLY B 134 -10.19 21.52 -14.37
C GLY B 134 -10.34 20.02 -14.25
N MET B 135 -10.72 19.54 -13.07
CA MET B 135 -10.93 18.10 -12.91
C MET B 135 -12.19 17.65 -13.64
N ALA B 136 -13.19 18.52 -13.79
CA ALA B 136 -14.36 18.18 -14.60
C ALA B 136 -13.96 18.01 -16.06
N PHE B 137 -13.02 18.82 -16.55
CA PHE B 137 -12.50 18.63 -17.90
C PHE B 137 -11.78 17.29 -18.02
N ILE B 138 -10.91 16.97 -17.06
CA ILE B 138 -10.24 15.67 -17.06
C ILE B 138 -11.26 14.54 -17.02
N GLU B 139 -12.32 14.71 -16.22
CA GLU B 139 -13.37 13.70 -16.15
C GLU B 139 -14.06 13.53 -17.49
N GLN B 140 -14.39 14.64 -18.17
CA GLN B 140 -15.04 14.56 -19.47
C GLN B 140 -14.15 13.91 -20.51
N ARG B 141 -12.84 14.12 -20.41
CA ARG B 141 -11.88 13.56 -21.36
C ARG B 141 -11.48 12.13 -21.02
N ASN B 142 -12.14 11.51 -20.03
CA ASN B 142 -11.86 10.14 -19.62
C ASN B 142 -10.39 9.96 -19.27
N TYR B 143 -9.83 10.93 -18.56
CA TYR B 143 -8.46 10.90 -18.06
C TYR B 143 -8.49 10.78 -16.54
N ILE B 144 -7.32 10.55 -15.96
CA ILE B 144 -7.18 10.35 -14.52
C ILE B 144 -5.95 11.13 -14.07
N HIS B 145 -6.08 11.88 -12.98
CA HIS B 145 -4.92 12.64 -12.52
C HIS B 145 -3.92 11.74 -11.79
N ARG B 146 -4.37 11.00 -10.79
CA ARG B 146 -3.67 9.99 -10.00
C ARG B 146 -2.89 10.57 -8.83
N ASP B 147 -2.68 11.87 -8.78
CA ASP B 147 -1.92 12.48 -7.69
C ASP B 147 -2.41 13.91 -7.44
N LEU B 148 -3.70 14.05 -7.21
CA LEU B 148 -4.27 15.37 -6.94
C LEU B 148 -4.03 15.77 -5.49
N ARG B 149 -3.44 16.94 -5.29
CA ARG B 149 -3.19 17.54 -3.98
C ARG B 149 -2.71 18.97 -4.21
N ALA B 150 -2.67 19.75 -3.12
CA ALA B 150 -2.34 21.17 -3.25
C ALA B 150 -0.93 21.40 -3.78
N ALA B 151 -0.02 20.45 -3.51
CA ALA B 151 1.33 20.57 -4.06
C ALA B 151 1.35 20.44 -5.58
N ASN B 152 0.32 19.84 -6.18
CA ASN B 152 0.27 19.68 -7.62
C ASN B 152 -0.72 20.65 -8.27
N ILE B 153 -1.11 21.70 -7.53
CA ILE B 153 -1.85 22.82 -8.09
C ILE B 153 -0.90 24.01 -8.15
N LEU B 154 -0.90 24.70 -9.28
CA LEU B 154 -0.06 25.88 -9.47
C LEU B 154 -0.93 27.13 -9.52
N VAL B 155 -0.33 28.27 -9.18
CA VAL B 155 -1.05 29.53 -9.06
C VAL B 155 -0.35 30.58 -9.90
N SER B 156 -1.12 31.32 -10.69
CA SER B 156 -0.56 32.30 -11.60
C SER B 156 -0.43 33.66 -10.90
N ALA B 157 0.16 34.63 -11.61
CA ALA B 157 0.35 35.96 -11.06
C ALA B 157 -0.98 36.62 -10.69
N SER B 158 -2.05 36.30 -11.42
CA SER B 158 -3.36 36.86 -11.15
C SER B 158 -4.26 35.90 -10.38
N LEU B 159 -3.67 34.89 -9.72
CA LEU B 159 -4.36 33.99 -8.79
C LEU B 159 -5.27 32.99 -9.50
N VAL B 160 -4.94 32.61 -10.73
CA VAL B 160 -5.63 31.53 -11.41
C VAL B 160 -4.96 30.21 -11.02
N CYS B 161 -5.77 29.22 -10.60
CA CYS B 161 -5.26 27.92 -10.21
C CYS B 161 -5.29 26.98 -11.40
N LYS B 162 -4.19 26.25 -11.62
CA LYS B 162 -4.09 25.32 -12.73
C LYS B 162 -3.55 23.99 -12.23
N ILE B 163 -4.11 22.90 -12.76
CA ILE B 163 -3.76 21.55 -12.33
C ILE B 163 -2.47 21.13 -13.02
N ALA B 164 -1.52 20.60 -12.24
CA ALA B 164 -0.23 20.20 -12.76
C ALA B 164 -0.03 18.70 -12.55
N ASP B 165 0.90 18.13 -13.31
CA ASP B 165 1.32 16.73 -13.16
C ASP B 165 0.17 15.77 -13.43
N PHE B 166 -0.82 16.17 -14.23
CA PHE B 166 -1.93 15.27 -14.51
C PHE B 166 -1.43 14.04 -15.27
N GLY B 167 -1.67 12.86 -14.69
CA GLY B 167 -1.27 11.60 -15.27
C GLY B 167 0.19 11.24 -15.11
N LEU B 168 1.02 12.12 -14.55
CA LEU B 168 2.46 11.90 -14.54
C LEU B 168 2.86 10.72 -13.67
N ALA B 169 2.11 10.44 -12.60
CA ALA B 169 2.46 9.32 -11.72
C ALA B 169 2.47 8.01 -12.47
N ARG B 170 1.73 7.92 -13.58
CA ARG B 170 1.63 6.66 -14.31
C ARG B 170 2.92 6.34 -15.04
N VAL B 171 3.72 7.36 -15.36
CA VAL B 171 4.94 7.15 -16.14
C VAL B 171 6.19 7.35 -15.30
N ILE B 172 6.06 7.48 -13.99
CA ILE B 172 7.22 7.41 -13.11
C ILE B 172 7.47 5.95 -12.77
N GLU B 173 8.65 5.46 -13.16
CA GLU B 173 8.95 4.04 -13.03
C GLU B 173 9.24 3.67 -11.58
N ASP B 174 8.97 2.42 -11.24
CA ASP B 174 9.34 1.84 -9.95
C ASP B 174 10.54 0.93 -10.17
N ASN B 175 11.72 1.39 -9.75
CA ASN B 175 12.94 0.64 -9.94
C ASN B 175 13.89 0.98 -8.80
N GLU B 176 15.14 0.52 -8.91
CA GLU B 176 16.11 0.78 -7.85
C GLU B 176 16.37 2.27 -7.67
N TYR B 177 16.22 3.05 -8.74
CA TYR B 177 16.54 4.48 -8.66
C TYR B 177 15.43 5.27 -7.96
N THR B 178 14.17 5.03 -8.32
CA THR B 178 13.08 5.79 -7.71
C THR B 178 12.73 5.28 -6.32
N ALA B 179 13.02 4.01 -6.03
CA ALA B 179 12.76 3.48 -4.69
C ALA B 179 13.56 4.22 -3.63
N ARG B 180 14.73 4.76 -4.00
CA ARG B 180 15.54 5.52 -3.07
C ARG B 180 14.91 6.84 -2.66
N GLU B 181 13.82 7.26 -3.31
CA GLU B 181 13.22 8.56 -3.08
C GLU B 181 12.00 8.49 -2.16
N GLY B 182 11.58 7.30 -1.74
CA GLY B 182 10.50 7.20 -0.79
C GLY B 182 9.13 7.00 -1.40
N ALA B 183 8.09 7.44 -0.68
CA ALA B 183 6.72 7.18 -1.10
C ALA B 183 6.41 7.83 -2.43
N LYS B 184 5.86 7.03 -3.36
CA LYS B 184 5.46 7.57 -4.64
C LYS B 184 4.17 8.38 -4.51
N PHE B 185 3.15 7.80 -3.88
CA PHE B 185 1.92 8.52 -3.61
C PHE B 185 1.68 8.61 -2.11
N PRO B 186 1.16 9.74 -1.62
CA PRO B 186 1.01 9.89 -0.17
C PRO B 186 -0.28 9.24 0.31
N ILE B 187 -0.15 8.39 1.34
CA ILE B 187 -1.28 7.64 1.88
C ILE B 187 -2.44 8.56 2.21
N LYS B 188 -2.15 9.73 2.81
CA LYS B 188 -3.22 10.55 3.39
C LYS B 188 -4.09 11.21 2.33
N TRP B 189 -3.65 11.29 1.07
CA TRP B 189 -4.45 11.82 -0.01
C TRP B 189 -5.15 10.77 -0.85
N THR B 190 -4.83 9.49 -0.65
CA THR B 190 -5.19 8.44 -1.60
C THR B 190 -6.41 7.68 -1.09
N ALA B 191 -7.38 7.46 -1.98
CA ALA B 191 -8.58 6.74 -1.59
C ALA B 191 -8.23 5.31 -1.21
N PRO B 192 -9.03 4.69 -0.34
CA PRO B 192 -8.66 3.35 0.16
C PRO B 192 -8.46 2.31 -0.94
N GLU B 193 -9.29 2.33 -1.98
CA GLU B 193 -9.23 1.26 -2.97
C GLU B 193 -7.99 1.36 -3.85
N ALA B 194 -7.43 2.55 -4.03
CA ALA B 194 -6.18 2.63 -4.79
C ALA B 194 -4.99 2.19 -3.95
N ILE B 195 -4.97 2.55 -2.66
CA ILE B 195 -3.95 2.02 -1.76
C ILE B 195 -4.00 0.51 -1.74
N ASN B 196 -5.20 -0.04 -1.46
CA ASN B 196 -5.36 -1.48 -1.24
C ASN B 196 -5.39 -2.29 -2.52
N PHE B 197 -5.88 -1.73 -3.63
CA PHE B 197 -6.04 -2.53 -4.85
C PHE B 197 -5.44 -1.90 -6.08
N GLY B 198 -4.78 -0.76 -5.96
CA GLY B 198 -4.27 -0.10 -7.13
C GLY B 198 -5.31 0.35 -8.11
N SER B 199 -6.55 0.54 -7.65
CA SER B 199 -7.66 0.94 -8.50
C SER B 199 -7.70 2.46 -8.55
N PHE B 200 -6.89 3.01 -9.45
CA PHE B 200 -6.87 4.45 -9.69
C PHE B 200 -7.87 4.78 -10.78
N THR B 201 -8.89 5.57 -10.41
CA THR B 201 -9.96 5.97 -11.32
C THR B 201 -10.24 7.45 -11.09
N ILE B 202 -11.14 8.01 -11.90
CA ILE B 202 -11.60 9.37 -11.63
C ILE B 202 -12.24 9.45 -10.26
N LYS B 203 -12.82 8.34 -9.78
CA LYS B 203 -13.43 8.36 -8.45
C LYS B 203 -12.38 8.39 -7.34
N SER B 204 -11.20 7.80 -7.55
CA SER B 204 -10.14 7.99 -6.56
C SER B 204 -9.59 9.41 -6.61
N ASP B 205 -9.63 10.05 -7.78
CA ASP B 205 -9.35 11.48 -7.85
C ASP B 205 -10.35 12.27 -7.04
N VAL B 206 -11.62 11.85 -7.04
CA VAL B 206 -12.64 12.57 -6.29
C VAL B 206 -12.33 12.54 -4.80
N TRP B 207 -11.91 11.39 -4.28
CA TRP B 207 -11.48 11.30 -2.89
C TRP B 207 -10.34 12.27 -2.62
N SER B 208 -9.32 12.25 -3.47
CA SER B 208 -8.17 13.14 -3.31
C SER B 208 -8.62 14.60 -3.33
N PHE B 209 -9.59 14.94 -4.19
CA PHE B 209 -10.08 16.31 -4.23
C PHE B 209 -10.66 16.71 -2.87
N GLY B 210 -11.38 15.80 -2.22
CA GLY B 210 -11.88 16.09 -0.88
C GLY B 210 -10.77 16.42 0.09
N ILE B 211 -9.66 15.66 0.04
CA ILE B 211 -8.52 15.99 0.89
C ILE B 211 -7.95 17.35 0.52
N LEU B 212 -7.86 17.63 -0.78
CA LEU B 212 -7.38 18.93 -1.25
C LEU B 212 -8.26 20.06 -0.76
N LEU B 213 -9.58 19.84 -0.73
CA LEU B 213 -10.49 20.86 -0.22
C LEU B 213 -10.20 21.17 1.25
N MET B 214 -9.92 20.14 2.04
CA MET B 214 -9.51 20.35 3.43
C MET B 214 -8.18 21.10 3.49
N GLU B 215 -7.24 20.78 2.60
CA GLU B 215 -5.99 21.53 2.53
C GLU B 215 -6.24 23.02 2.33
N ILE B 216 -7.13 23.34 1.39
CA ILE B 216 -7.39 24.73 1.05
C ILE B 216 -7.99 25.47 2.25
N VAL B 217 -9.02 24.88 2.87
CA VAL B 217 -9.72 25.56 3.95
C VAL B 217 -8.84 25.71 5.20
N THR B 218 -7.80 24.89 5.35
CA THR B 218 -6.89 24.97 6.48
C THR B 218 -5.60 25.70 6.12
N TYR B 219 -5.54 26.29 4.93
CA TYR B 219 -4.35 27.01 4.47
C TYR B 219 -3.10 26.11 4.51
N GLY B 220 -3.27 24.85 4.11
CA GLY B 220 -2.14 23.98 3.89
C GLY B 220 -1.74 23.08 5.04
N ARG B 221 -2.61 22.90 6.03
CA ARG B 221 -2.32 21.96 7.12
C ARG B 221 -2.17 20.56 6.57
N ILE B 222 -1.32 19.77 7.24
CA ILE B 222 -1.22 18.35 6.92
C ILE B 222 -2.59 17.70 7.08
N PRO B 223 -3.00 16.78 6.19
CA PRO B 223 -4.22 16.03 6.46
C PRO B 223 -4.05 15.18 7.71
N TYR B 224 -5.16 14.94 8.39
CA TYR B 224 -5.20 14.08 9.57
C TYR B 224 -4.11 14.48 10.58
N PRO B 225 -4.16 15.69 11.13
CA PRO B 225 -3.08 16.12 12.03
C PRO B 225 -2.99 15.22 13.26
N GLY B 226 -1.76 14.94 13.67
CA GLY B 226 -1.50 14.06 14.79
C GLY B 226 -1.61 12.58 14.51
N MET B 227 -1.94 12.17 13.28
CA MET B 227 -2.18 10.77 12.96
C MET B 227 -1.09 10.22 12.05
N SER B 228 -0.64 9.01 12.35
CA SER B 228 0.29 8.31 11.49
C SER B 228 -0.49 7.72 10.31
N ASN B 229 0.25 7.31 9.29
CA ASN B 229 -0.39 6.69 8.13
C ASN B 229 -1.15 5.42 8.48
N PRO B 230 -0.63 4.48 9.30
CA PRO B 230 -1.47 3.34 9.69
C PRO B 230 -2.73 3.75 10.43
N GLU B 231 -2.63 4.77 11.30
CA GLU B 231 -3.80 5.22 12.04
C GLU B 231 -4.86 5.80 11.11
N VAL B 232 -4.43 6.45 10.03
CA VAL B 232 -5.39 7.00 9.07
C VAL B 232 -6.11 5.87 8.36
N ILE B 233 -5.38 4.88 7.87
CA ILE B 233 -6.00 3.76 7.15
C ILE B 233 -7.04 3.06 8.03
N ARG B 234 -6.66 2.70 9.26
CA ARG B 234 -7.57 1.96 10.12
C ARG B 234 -8.76 2.80 10.56
N ALA B 235 -8.56 4.11 10.78
CA ALA B 235 -9.67 4.97 11.17
C ALA B 235 -10.68 5.10 10.04
N LEU B 236 -10.19 5.33 8.82
CA LEU B 236 -11.08 5.41 7.65
C LEU B 236 -11.90 4.13 7.50
N GLU B 237 -11.29 2.96 7.73
CA GLU B 237 -12.02 1.71 7.64
C GLU B 237 -13.18 1.64 8.63
N ARG B 238 -13.10 2.39 9.74
CA ARG B 238 -14.15 2.40 10.74
C ARG B 238 -15.05 3.63 10.63
N GLY B 239 -15.06 4.28 9.46
CA GLY B 239 -15.94 5.39 9.23
C GLY B 239 -15.45 6.72 9.77
N TYR B 240 -14.25 6.78 10.31
CA TYR B 240 -13.69 8.07 10.68
C TYR B 240 -13.45 8.89 9.42
N ARG B 241 -13.78 10.17 9.52
CA ARG B 241 -13.41 11.16 8.52
C ARG B 241 -12.94 12.40 9.28
N MET B 242 -12.07 13.18 8.65
CA MET B 242 -11.57 14.38 9.29
C MET B 242 -12.74 15.25 9.75
N PRO B 243 -12.78 15.68 11.01
CA PRO B 243 -13.84 16.57 11.46
C PRO B 243 -13.74 17.93 10.80
N ARG B 244 -14.88 18.61 10.76
CA ARG B 244 -14.95 19.95 10.20
C ARG B 244 -14.08 20.91 11.02
N PRO B 245 -13.10 21.58 10.41
CA PRO B 245 -12.24 22.48 11.16
C PRO B 245 -12.87 23.86 11.33
N GLU B 246 -12.19 24.69 12.11
CA GLU B 246 -12.60 26.08 12.29
C GLU B 246 -12.61 26.81 10.95
N ASN B 247 -13.51 27.80 10.85
CA ASN B 247 -13.63 28.63 9.66
C ASN B 247 -13.82 27.78 8.39
N CYS B 248 -14.54 26.68 8.55
CA CYS B 248 -14.94 25.87 7.40
C CYS B 248 -16.45 25.84 7.32
N PRO B 249 -17.05 26.47 6.31
CA PRO B 249 -18.51 26.42 6.19
C PRO B 249 -19.01 24.99 6.01
N GLU B 250 -20.21 24.74 6.54
CA GLU B 250 -20.79 23.41 6.44
C GLU B 250 -21.02 23.00 4.99
N GLU B 251 -21.35 23.96 4.12
CA GLU B 251 -21.52 23.65 2.70
C GLU B 251 -20.25 23.02 2.13
N LEU B 252 -19.09 23.56 2.50
CA LEU B 252 -17.82 23.04 2.01
C LEU B 252 -17.52 21.67 2.61
N TYR B 253 -17.74 21.52 3.92
CA TYR B 253 -17.48 20.24 4.57
C TYR B 253 -18.36 19.14 4.01
N ASN B 254 -19.61 19.46 3.70
CA ASN B 254 -20.51 18.45 3.16
C ASN B 254 -20.02 17.92 1.81
N ILE B 255 -19.39 18.78 1.01
CA ILE B 255 -18.81 18.34 -0.25
C ILE B 255 -17.66 17.37 0.01
N MET B 256 -16.81 17.69 0.98
CA MET B 256 -15.71 16.79 1.35
C MET B 256 -16.25 15.41 1.72
N MET B 257 -17.29 15.38 2.57
CA MET B 257 -17.82 14.10 3.03
C MET B 257 -18.38 13.30 1.87
N ARG B 258 -18.98 13.96 0.87
CA ARG B 258 -19.41 13.24 -0.32
C ARG B 258 -18.22 12.63 -1.06
N CYS B 259 -17.10 13.35 -1.12
CA CYS B 259 -15.92 12.87 -1.82
C CYS B 259 -15.32 11.66 -1.13
N TRP B 260 -15.54 11.51 0.18
CA TRP B 260 -14.91 10.47 0.96
C TRP B 260 -15.84 9.28 1.21
N LYS B 261 -16.85 9.08 0.38
CA LYS B 261 -17.67 7.88 0.49
C LYS B 261 -16.79 6.65 0.28
N ASN B 262 -17.07 5.59 1.06
CA ASN B 262 -16.26 4.38 0.95
C ASN B 262 -16.39 3.74 -0.42
N ARG B 263 -17.62 3.69 -0.94
CA ARG B 263 -17.86 3.12 -2.26
C ARG B 263 -17.51 4.14 -3.34
N PRO B 264 -16.57 3.85 -4.23
CA PRO B 264 -16.23 4.82 -5.29
C PRO B 264 -17.43 5.28 -6.10
N GLU B 265 -18.32 4.35 -6.47
CA GLU B 265 -19.46 4.70 -7.31
C GLU B 265 -20.42 5.67 -6.62
N GLU B 266 -20.37 5.77 -5.28
CA GLU B 266 -21.22 6.69 -4.55
C GLU B 266 -20.62 8.08 -4.40
N ARG B 267 -19.39 8.29 -4.85
CA ARG B 267 -18.80 9.62 -4.83
C ARG B 267 -19.34 10.46 -5.99
N PRO B 268 -19.43 11.78 -5.82
CA PRO B 268 -19.99 12.62 -6.88
C PRO B 268 -19.06 12.75 -8.07
N THR B 269 -19.63 13.19 -9.19
CA THR B 269 -18.82 13.56 -10.32
C THR B 269 -18.18 14.93 -10.09
N PHE B 270 -17.11 15.20 -10.84
CA PHE B 270 -16.52 16.53 -10.77
C PHE B 270 -17.44 17.57 -11.40
N GLU B 271 -18.27 17.16 -12.37
CA GLU B 271 -19.30 18.06 -12.88
C GLU B 271 -20.24 18.50 -11.76
N TYR B 272 -20.65 17.56 -10.91
CA TYR B 272 -21.47 17.91 -9.75
C TYR B 272 -20.71 18.82 -8.79
N ILE B 273 -19.46 18.44 -8.49
CA ILE B 273 -18.66 19.20 -7.52
C ILE B 273 -18.49 20.64 -7.98
N GLN B 274 -18.13 20.83 -9.27
CA GLN B 274 -17.91 22.18 -9.78
C GLN B 274 -19.18 23.00 -9.67
N SER B 275 -20.34 22.40 -9.96
CA SER B 275 -21.59 23.15 -9.93
C SER B 275 -21.93 23.59 -8.52
N VAL B 276 -21.70 22.71 -7.53
CA VAL B 276 -22.02 23.07 -6.14
C VAL B 276 -21.04 24.11 -5.63
N LEU B 277 -19.74 23.94 -5.92
CA LEU B 277 -18.75 24.93 -5.51
C LEU B 277 -19.03 26.29 -6.15
N ASP B 278 -19.47 26.30 -7.40
CA ASP B 278 -19.82 27.55 -8.06
C ASP B 278 -20.98 28.24 -7.35
N ASP B 279 -21.98 27.46 -6.93
CA ASP B 279 -23.09 28.05 -6.19
C ASP B 279 -22.62 28.63 -4.86
N PHE B 280 -21.77 27.89 -4.14
CA PHE B 280 -21.34 28.39 -2.83
C PHE B 280 -20.45 29.62 -2.96
N TYR B 281 -19.71 29.75 -4.07
CA TYR B 281 -18.90 30.94 -4.28
C TYR B 281 -19.77 32.19 -4.33
N THR B 282 -20.81 32.17 -5.17
CA THR B 282 -21.66 33.34 -5.32
C THR B 282 -22.37 33.67 -4.03
N ALA B 283 -22.79 32.64 -3.27
CA ALA B 283 -23.40 32.88 -1.98
C ALA B 283 -22.43 33.53 -1.00
N THR B 284 -21.14 33.25 -1.12
CA THR B 284 -20.14 33.88 -0.26
C THR B 284 -19.50 35.06 -0.98
NAK VSE C . -5.50 -22.26 16.07
C6 VSE C . -6.31 -21.03 15.90
C5 VSE C . -6.62 -20.52 14.65
CAI VSE C . -6.31 -20.86 13.32
CAJ VSE C . -5.76 -22.04 12.81
CAL VSE C . -4.76 -21.96 11.85
CAM VSE C . -4.19 -23.11 11.30
CAN VSE C . -4.62 -24.37 11.71
OBD VSE C . -4.10 -25.53 11.18
CBE VSE C . -2.76 -25.81 11.11
CBF VSE C . -1.88 -25.37 12.09
CBG VSE C . -0.53 -25.68 12.01
CBH VSE C . -0.05 -26.44 10.96
CBI VSE C . -0.93 -26.90 9.98
CBJ VSE C . -2.28 -26.59 10.06
CAO VSE C . -5.64 -24.46 12.66
CAP VSE C . -6.20 -23.30 13.20
CAH VSE C . -6.93 -19.90 12.53
NAG VSE C . -7.56 -19.01 13.32
C4 VSE C . -7.38 -19.36 14.60
N3 VSE C . -7.83 -18.78 15.73
C2 VSE C . -7.53 -19.30 16.93
N1 VSE C . -6.78 -20.42 17.02
CAQ VSE C . -8.33 -17.82 12.85
CAV VSE C . -7.40 -16.74 12.32
CAU VSE C . -8.18 -15.54 11.77
CAT VSE C . -9.12 -16.01 10.65
CAS VSE C . -10.08 -17.02 11.24
CAR VSE C . -9.32 -18.23 11.77
NAW VSE C . -9.88 -14.89 10.05
CAX VSE C . -10.69 -14.17 11.06
CAY VSE C . -11.48 -13.06 10.36
NAZ VSE C . -10.54 -12.13 9.70
CBC VSE C . -11.30 -11.02 9.08
CBA VSE C . -9.77 -12.86 8.68
CBB VSE C . -8.96 -13.95 9.37
NAK VSE D . 5.09 25.20 -14.34
C6 VSE D . 5.61 25.68 -13.04
C5 VSE D . 5.95 24.80 -12.01
CAI VSE D . 5.91 23.40 -11.83
CAJ VSE D . 5.71 22.37 -12.76
CAL VSE D . 4.87 21.32 -12.44
CAM VSE D . 4.66 20.27 -13.33
CAN VSE D . 5.31 20.25 -14.56
OBD VSE D . 5.15 19.22 -15.46
CBE VSE D . 3.93 18.77 -15.89
CBF VSE D . 2.86 19.63 -16.04
CBG VSE D . 1.61 19.16 -16.47
CBH VSE D . 1.47 17.80 -16.79
CBI VSE D . 2.56 16.95 -16.65
CBJ VSE D . 3.78 17.42 -16.22
CAO VSE D . 6.18 21.30 -14.88
CAP VSE D . 6.38 22.35 -13.98
CAH VSE D . 6.38 23.19 -10.54
NAG VSE D . 6.68 24.36 -9.96
C4 VSE D . 6.42 25.34 -10.83
N3 VSE D . 6.57 26.69 -10.71
C2 VSE D . 6.24 27.50 -11.72
N1 VSE D . 5.77 27.01 -12.86
CAQ VSE D . 7.20 24.59 -8.59
CAV VSE D . 6.14 24.27 -7.53
CAU VSE D . 6.70 24.44 -6.11
CAT VSE D . 7.92 23.54 -5.92
CAS VSE D . 8.97 23.98 -6.93
CAR VSE D . 8.44 23.72 -8.33
NAW VSE D . 8.46 23.60 -4.54
CAX VSE D . 8.92 24.95 -4.18
CAY VSE D . 9.50 24.92 -2.78
NAZ VSE D . 8.45 24.51 -1.82
CBC VSE D . 8.98 24.53 -0.45
CBA VSE D . 8.00 23.15 -2.16
CBB VSE D . 7.44 23.14 -3.58
#